data_6NYH
#
_entry.id   6NYH
#
_cell.length_a   46.980
_cell.length_b   97.034
_cell.length_c   125.238
_cell.angle_alpha   90.00
_cell.angle_beta   90.00
_cell.angle_gamma   90.00
#
_symmetry.space_group_name_H-M   'P 21 21 21'
#
loop_
_entity.id
_entity.type
_entity.pdbx_description
1 polymer 'Receptor-interacting serine/threonine-protein kinase 1'
2 non-polymer (5S)-N-[(3S)-7-methoxy-1-methyl-2-oxo-2,3,4,5-tetrahydro-1H-pyrido[3,4-b]azepin-3-yl]-5-phenyl-6,7-dihydro-5H-pyrrolo[1,2-b][1,2,4]triazole-2-carboxamide
3 non-polymer 'IODIDE ION'
4 water water
#
_entity_poly.entity_id   1
_entity_poly.type   'polypeptide(L)'
_entity_poly.pdbx_seq_one_letter_code
;GSMQPDMSLNVIKMKSSDFLESAELDSGGFGKVSLAFHRTQGLMIMKTVYKGPNCIEHNEALLEEAKMMNRLRHSRVVKL
LGVIIEEGKYSLVMEYMEKGNLMHVLKAEMSTPLSVKGRIILEIIEGMAYLHGKGVIHKDLKPENILVDNDFHIKIADLG
LASFKMWSKLNNEEHNELREVDGTAKKNGGTLYYMAPEHLNDVNAKPTEKSDVYSFAVVLWAIFANKEPYENAIAEQQLI
MAIKSGNRPDVDDITEYCPREIISLMKLCWEANPEARPTFPGIEEKFRPFYLSQLE
;
_entity_poly.pdbx_strand_id   A,B
#
loop_
_chem_comp.id
_chem_comp.type
_chem_comp.name
_chem_comp.formula
IOD non-polymer 'IODIDE ION' 'I -1'
L8D non-polymer (5S)-N-[(3S)-7-methoxy-1-methyl-2-oxo-2,3,4,5-tetrahydro-1H-pyrido[3,4-b]azepin-3-yl]-5-phenyl-6,7-dihydro-5H-pyrrolo[1,2-b][1,2,4]triazole-2-carboxamide 'C23 H24 N6 O3'
#
# COMPACT_ATOMS: atom_id res chain seq x y z
N ASN A 10 -5.51 0.49 16.56
CA ASN A 10 -5.38 1.24 17.80
C ASN A 10 -4.49 0.50 18.80
N VAL A 11 -3.72 1.25 19.60
CA VAL A 11 -2.80 0.67 20.57
C VAL A 11 -3.53 0.53 21.90
N ILE A 12 -3.20 -0.54 22.61
CA ILE A 12 -3.72 -0.78 23.95
C ILE A 12 -2.61 -0.43 24.91
N LYS A 13 -2.93 0.16 26.06
CA LYS A 13 -1.94 0.35 27.11
C LYS A 13 -2.13 -0.94 27.94
N MET A 14 -1.68 -2.06 27.40
CA MET A 14 -1.84 -3.40 27.97
C MET A 14 -1.16 -3.47 29.34
N LYS A 15 -1.46 -4.55 30.07
CA LYS A 15 -0.87 -4.79 31.38
C LYS A 15 -0.14 -6.13 31.38
N SER A 16 0.85 -6.23 32.28
CA SER A 16 1.48 -7.51 32.52
C SER A 16 0.44 -8.57 32.87
N SER A 17 -0.57 -8.19 33.66
CA SER A 17 -1.63 -9.11 34.07
C SER A 17 -2.39 -9.69 32.88
N ASP A 18 -2.35 -9.02 31.72
CA ASP A 18 -3.05 -9.49 30.53
C ASP A 18 -2.40 -10.72 29.93
N PHE A 19 -1.23 -11.13 30.41
CA PHE A 19 -0.44 -12.21 29.82
C PHE A 19 -0.16 -13.31 30.83
N LEU A 20 -0.13 -14.55 30.35
CA LEU A 20 0.17 -15.67 31.22
C LEU A 20 1.58 -15.56 31.78
N GLU A 21 1.77 -16.06 33.00
CA GLU A 21 3.05 -16.04 33.70
C GLU A 21 4.07 -16.98 33.05
N LYS A 32 15.02 -8.19 26.80
CA LYS A 32 14.77 -9.59 26.43
C LYS A 32 13.44 -9.75 25.67
N VAL A 33 13.50 -10.51 24.59
CA VAL A 33 12.35 -10.80 23.76
C VAL A 33 11.78 -12.14 24.19
N SER A 34 10.47 -12.31 24.04
CA SER A 34 9.82 -13.54 24.47
C SER A 34 8.45 -13.65 23.83
N LEU A 35 8.08 -14.89 23.48
CA LEU A 35 6.70 -15.20 23.15
C LEU A 35 5.78 -14.77 24.30
N ALA A 36 4.54 -14.47 23.99
CA ALA A 36 3.58 -14.09 25.01
C ALA A 36 2.21 -14.55 24.56
N PHE A 37 1.42 -15.04 25.48
CA PHE A 37 0.04 -15.41 25.19
C PHE A 37 -0.83 -14.42 25.95
N HIS A 38 -1.39 -13.46 25.21
CA HIS A 38 -2.38 -12.58 25.79
C HIS A 38 -3.58 -13.41 26.27
N ARG A 39 -4.02 -13.13 27.50
CA ARG A 39 -5.07 -13.92 28.16
C ARG A 39 -6.30 -14.08 27.28
N THR A 40 -6.62 -13.06 26.48
CA THR A 40 -7.83 -13.08 25.68
C THR A 40 -7.57 -12.98 24.18
N GLN A 41 -6.44 -12.42 23.76
CA GLN A 41 -6.23 -12.18 22.34
C GLN A 41 -5.28 -13.17 21.68
N GLY A 42 -4.38 -13.80 22.43
CA GLY A 42 -3.60 -14.89 21.87
C GLY A 42 -2.11 -14.64 21.76
N LEU A 43 -1.49 -15.27 20.77
CA LEU A 43 -0.04 -15.23 20.62
C LEU A 43 0.46 -13.86 20.15
N MET A 44 1.49 -13.36 20.82
CA MET A 44 2.12 -12.09 20.48
C MET A 44 3.59 -12.16 20.86
N ILE A 45 4.34 -11.18 20.40
CA ILE A 45 5.76 -11.03 20.70
C ILE A 45 5.91 -9.84 21.64
N MET A 46 6.65 -10.03 22.73
CA MET A 46 6.89 -8.97 23.67
C MET A 46 8.38 -8.69 23.73
N LYS A 47 8.74 -7.42 23.67
CA LYS A 47 10.06 -7.00 24.10
C LYS A 47 9.86 -6.06 25.27
N THR A 48 10.35 -6.47 26.44
CA THR A 48 10.45 -5.55 27.55
C THR A 48 11.69 -4.71 27.33
N VAL A 49 11.51 -3.40 27.24
CA VAL A 49 12.58 -2.49 26.86
C VAL A 49 13.33 -1.94 28.08
N TYR A 50 12.69 -1.91 29.25
CA TYR A 50 13.27 -1.20 30.37
C TYR A 50 12.78 -1.78 31.69
N LYS A 51 13.71 -1.96 32.63
CA LYS A 51 13.41 -2.23 34.03
C LYS A 51 14.31 -1.36 34.90
N GLY A 52 13.77 -0.82 35.99
CA GLY A 52 14.55 -0.03 36.91
C GLY A 52 13.80 1.15 37.49
N PRO A 53 14.51 2.26 37.68
CA PRO A 53 13.90 3.46 38.29
C PRO A 53 12.66 3.94 37.54
N ASN A 54 11.90 4.81 38.21
CA ASN A 54 10.52 5.10 37.80
C ASN A 54 10.44 5.72 36.42
N CYS A 55 11.16 6.83 36.20
CA CYS A 55 11.12 7.63 34.98
C CYS A 55 9.70 7.82 34.45
N ILE A 56 8.76 8.15 35.33
CA ILE A 56 7.38 8.34 34.89
C ILE A 56 7.24 9.58 34.00
N GLU A 57 8.18 10.52 34.07
CA GLU A 57 8.11 11.73 33.25
C GLU A 57 8.14 11.42 31.76
N HIS A 58 8.56 10.23 31.36
CA HIS A 58 8.63 9.83 29.96
C HIS A 58 7.36 9.18 29.46
N ASN A 59 6.34 9.03 30.31
CA ASN A 59 5.26 8.10 29.96
C ASN A 59 4.45 8.58 28.77
N GLU A 60 4.03 9.85 28.77
CA GLU A 60 3.13 10.24 27.69
C GLU A 60 3.86 10.34 26.35
N ALA A 61 5.18 10.57 26.37
CA ALA A 61 5.96 10.61 25.12
C ALA A 61 6.17 9.21 24.57
N LEU A 62 6.46 8.27 25.46
CA LEU A 62 6.52 6.87 25.06
C LEU A 62 5.19 6.42 24.49
N LEU A 63 4.08 6.85 25.09
CA LEU A 63 2.80 6.39 24.61
C LEU A 63 2.46 6.99 23.24
N GLU A 64 2.69 8.30 23.08
CA GLU A 64 2.37 8.92 21.81
C GLU A 64 3.29 8.41 20.70
N GLU A 65 4.57 8.18 21.00
CA GLU A 65 5.45 7.60 20.00
C GLU A 65 4.92 6.25 19.54
N ALA A 66 4.47 5.41 20.47
CA ALA A 66 3.88 4.15 20.09
C ALA A 66 2.63 4.37 19.27
N LYS A 67 1.82 5.36 19.66
CA LYS A 67 0.65 5.71 18.87
C LYS A 67 1.03 6.11 17.44
N MET A 68 2.08 6.91 17.29
CA MET A 68 2.45 7.35 15.96
C MET A 68 3.01 6.19 15.12
N MET A 69 3.86 5.36 15.72
CA MET A 69 4.30 4.16 15.01
C MET A 69 3.11 3.27 14.66
N ASN A 70 2.17 3.12 15.60
CA ASN A 70 0.97 2.32 15.38
C ASN A 70 0.09 2.89 14.28
N ARG A 71 0.23 4.19 13.98
CA ARG A 71 -0.55 4.80 12.91
C ARG A 71 0.00 4.52 11.52
N LEU A 72 1.16 3.86 11.41
CA LEU A 72 1.70 3.45 10.12
C LEU A 72 1.06 2.10 9.79
N ARG A 73 -0.04 2.14 9.04
CA ARG A 73 -0.85 0.96 8.81
C ARG A 73 -0.92 0.65 7.33
N HIS A 74 -0.52 -0.57 6.98
CA HIS A 74 -0.45 -1.00 5.61
C HIS A 74 -0.33 -2.50 5.65
N SER A 75 -0.78 -3.16 4.59
CA SER A 75 -0.75 -4.62 4.60
C SER A 75 0.66 -5.18 4.72
N ARG A 76 1.69 -4.40 4.40
CA ARG A 76 3.07 -4.90 4.41
C ARG A 76 3.90 -4.25 5.50
N VAL A 77 3.26 -3.75 6.55
CA VAL A 77 3.93 -3.13 7.68
C VAL A 77 3.42 -3.82 8.94
N VAL A 78 4.35 -4.21 9.82
CA VAL A 78 3.98 -5.00 10.98
C VAL A 78 3.14 -4.17 11.94
N LYS A 79 2.22 -4.82 12.66
CA LYS A 79 1.35 -4.13 13.60
C LYS A 79 1.97 -4.13 14.99
N LEU A 80 2.06 -2.95 15.58
CA LEU A 80 2.37 -2.82 17.00
C LEU A 80 1.03 -2.97 17.75
N LEU A 81 0.88 -4.04 18.50
CA LEU A 81 -0.44 -4.32 19.08
C LEU A 81 -0.64 -3.59 20.40
N GLY A 82 0.37 -3.57 21.27
CA GLY A 82 0.18 -2.91 22.54
C GLY A 82 1.48 -2.38 23.08
N VAL A 83 1.35 -1.59 24.14
CA VAL A 83 2.46 -1.23 25.02
C VAL A 83 2.07 -1.59 26.44
N ILE A 84 3.09 -1.81 27.27
CA ILE A 84 2.94 -2.02 28.69
C ILE A 84 3.77 -0.93 29.35
N ILE A 85 3.09 0.00 30.01
CA ILE A 85 3.76 1.09 30.71
C ILE A 85 3.37 0.97 32.18
N GLU A 86 4.33 0.59 33.02
CA GLU A 86 4.12 0.38 34.44
C GLU A 86 5.21 1.09 35.21
N GLU A 87 5.15 0.97 36.55
CA GLU A 87 6.00 1.75 37.45
C GLU A 87 7.45 1.74 37.00
N GLY A 88 8.01 0.55 36.75
CA GLY A 88 9.35 0.53 36.21
C GLY A 88 9.59 -0.52 35.14
N LYS A 89 8.57 -0.81 34.32
CA LYS A 89 8.65 -1.83 33.29
C LYS A 89 7.93 -1.31 32.05
N TYR A 90 8.68 -1.16 30.95
CA TYR A 90 8.15 -0.69 29.68
C TYR A 90 8.33 -1.78 28.65
N SER A 91 7.24 -2.12 27.96
CA SER A 91 7.28 -3.20 26.99
C SER A 91 6.46 -2.84 25.77
N LEU A 92 6.92 -3.33 24.62
CA LEU A 92 6.24 -3.23 23.35
C LEU A 92 5.66 -4.59 22.97
N VAL A 93 4.52 -4.58 22.30
CA VAL A 93 3.85 -5.82 21.94
C VAL A 93 3.54 -5.77 20.46
N MET A 94 4.01 -6.78 19.72
CA MET A 94 3.96 -6.83 18.27
C MET A 94 3.20 -8.07 17.81
N GLU A 95 2.67 -8.03 16.60
CA GLU A 95 1.99 -9.22 16.10
C GLU A 95 3.02 -10.31 15.83
N TYR A 96 2.59 -11.56 15.97
CA TYR A 96 3.43 -12.73 15.77
C TYR A 96 3.42 -13.13 14.29
N MET A 97 4.59 -13.11 13.66
CA MET A 97 4.75 -13.56 12.28
C MET A 97 5.34 -14.97 12.31
N GLU A 98 4.56 -15.93 11.82
CA GLU A 98 4.78 -17.34 12.15
C GLU A 98 6.09 -17.87 11.56
N LYS A 99 6.48 -17.44 10.36
CA LYS A 99 7.65 -18.02 9.73
C LYS A 99 8.95 -17.29 10.03
N GLY A 100 8.95 -16.32 10.96
CA GLY A 100 10.19 -15.65 11.34
C GLY A 100 10.58 -14.56 10.35
N ASN A 101 11.88 -14.26 10.27
CA ASN A 101 12.31 -13.25 9.32
C ASN A 101 12.71 -13.89 7.99
N LEU A 102 12.94 -13.03 7.00
CA LEU A 102 13.15 -13.48 5.63
C LEU A 102 14.38 -14.39 5.49
N MET A 103 15.42 -14.15 6.28
CA MET A 103 16.61 -15.00 6.16
C MET A 103 16.31 -16.43 6.63
N HIS A 104 15.62 -16.55 7.78
CA HIS A 104 15.09 -17.85 8.20
C HIS A 104 14.40 -18.55 7.06
N VAL A 105 13.49 -17.85 6.37
CA VAL A 105 12.75 -18.47 5.28
C VAL A 105 13.71 -18.88 4.17
N LEU A 106 14.66 -18.01 3.82
CA LEU A 106 15.54 -18.30 2.70
C LEU A 106 16.45 -19.49 3.00
N LYS A 107 16.70 -19.76 4.29
CA LYS A 107 17.64 -20.80 4.68
C LYS A 107 16.95 -22.08 5.14
N ALA A 108 15.65 -22.21 4.95
CA ALA A 108 14.94 -23.42 5.33
C ALA A 108 15.19 -24.53 4.32
N GLU A 109 15.00 -25.78 4.77
CA GLU A 109 15.27 -26.94 3.91
C GLU A 109 14.39 -26.90 2.67
N MET A 110 13.08 -26.78 2.87
CA MET A 110 12.16 -26.63 1.77
C MET A 110 12.43 -25.32 1.04
N SER A 111 12.56 -25.40 -0.28
CA SER A 111 12.89 -24.21 -1.03
C SER A 111 11.65 -23.34 -1.24
N THR A 112 11.89 -22.09 -1.60
CA THR A 112 10.83 -21.15 -1.93
C THR A 112 10.82 -20.95 -3.43
N PRO A 113 9.73 -21.24 -4.14
CA PRO A 113 9.76 -21.13 -5.60
C PRO A 113 9.94 -19.69 -6.07
N LEU A 114 10.28 -19.57 -7.36
CA LEU A 114 10.58 -18.28 -7.94
C LEU A 114 9.38 -17.34 -7.86
N SER A 115 8.18 -17.87 -8.03
CA SER A 115 6.98 -17.04 -7.98
C SER A 115 6.85 -16.36 -6.62
N VAL A 116 7.08 -17.12 -5.55
CA VAL A 116 6.98 -16.60 -4.18
C VAL A 116 8.07 -15.57 -3.93
N LYS A 117 9.31 -15.86 -4.35
CA LYS A 117 10.39 -14.88 -4.24
C LYS A 117 10.03 -13.59 -4.94
N GLY A 118 9.49 -13.69 -6.16
CA GLY A 118 9.00 -12.50 -6.84
C GLY A 118 7.93 -11.77 -6.06
N ARG A 119 7.03 -12.50 -5.41
CA ARG A 119 5.95 -11.84 -4.67
C ARG A 119 6.50 -11.13 -3.43
N ILE A 120 7.43 -11.78 -2.73
CA ILE A 120 8.06 -11.17 -1.57
C ILE A 120 8.73 -9.87 -1.95
N ILE A 121 9.39 -9.84 -3.11
CA ILE A 121 10.04 -8.62 -3.59
C ILE A 121 9.00 -7.54 -3.85
N LEU A 122 7.94 -7.88 -4.59
CA LEU A 122 6.85 -6.93 -4.80
C LEU A 122 6.31 -6.39 -3.48
N GLU A 123 6.14 -7.26 -2.48
CA GLU A 123 5.54 -6.82 -1.21
C GLU A 123 6.49 -5.94 -0.41
N ILE A 124 7.80 -6.24 -0.45
CA ILE A 124 8.79 -5.33 0.13
C ILE A 124 8.71 -3.96 -0.52
N ILE A 125 8.61 -3.92 -1.86
CA ILE A 125 8.49 -2.64 -2.57
C ILE A 125 7.26 -1.86 -2.10
N GLU A 126 6.13 -2.56 -1.90
CA GLU A 126 4.89 -1.91 -1.46
C GLU A 126 5.03 -1.32 -0.07
N GLY A 127 5.54 -2.10 0.87
CA GLY A 127 5.76 -1.58 2.21
C GLY A 127 6.67 -0.38 2.22
N MET A 128 7.75 -0.43 1.45
CA MET A 128 8.70 0.67 1.44
C MET A 128 8.13 1.91 0.73
N ALA A 129 7.38 1.71 -0.36
CA ALA A 129 6.70 2.85 -0.98
C ALA A 129 5.69 3.48 -0.03
N TYR A 130 4.97 2.66 0.74
CA TYR A 130 4.05 3.20 1.72
C TYR A 130 4.79 4.03 2.77
N LEU A 131 5.83 3.43 3.38
CA LEU A 131 6.60 4.13 4.41
C LEU A 131 7.16 5.45 3.87
N HIS A 132 7.81 5.41 2.71
CA HIS A 132 8.35 6.64 2.13
C HIS A 132 7.23 7.63 1.83
N GLY A 133 6.07 7.14 1.39
CA GLY A 133 4.92 8.02 1.21
C GLY A 133 4.54 8.78 2.47
N LYS A 134 4.78 8.21 3.64
CA LYS A 134 4.46 8.85 4.91
C LYS A 134 5.64 9.63 5.47
N GLY A 135 6.73 9.74 4.73
CA GLY A 135 7.89 10.44 5.23
C GLY A 135 8.77 9.62 6.14
N VAL A 136 8.55 8.33 6.22
CA VAL A 136 9.34 7.46 7.08
C VAL A 136 10.52 6.90 6.27
N ILE A 137 11.73 7.30 6.66
CA ILE A 137 12.95 6.67 6.19
C ILE A 137 13.28 5.54 7.17
N HIS A 138 13.35 4.31 6.65
CA HIS A 138 13.55 3.17 7.54
C HIS A 138 14.92 3.19 8.20
N LYS A 139 15.98 3.28 7.38
CA LYS A 139 17.37 3.39 7.79
C LYS A 139 17.98 2.06 8.24
N ASP A 140 17.19 1.00 8.42
CA ASP A 140 17.77 -0.29 8.81
C ASP A 140 17.01 -1.44 8.16
N LEU A 141 16.71 -1.28 6.87
CA LEU A 141 16.09 -2.36 6.12
C LEU A 141 17.10 -3.48 5.92
N LYS A 142 16.65 -4.71 6.11
CA LYS A 142 17.52 -5.87 6.05
C LYS A 142 16.64 -7.08 6.28
N PRO A 143 17.09 -8.29 5.93
CA PRO A 143 16.20 -9.46 6.06
C PRO A 143 15.66 -9.68 7.46
N GLU A 144 16.38 -9.24 8.50
CA GLU A 144 15.89 -9.41 9.86
C GLU A 144 14.66 -8.54 10.14
N ASN A 145 14.50 -7.45 9.40
CA ASN A 145 13.34 -6.58 9.56
C ASN A 145 12.25 -6.88 8.54
N ILE A 146 12.33 -8.02 7.88
CA ILE A 146 11.30 -8.45 6.94
C ILE A 146 10.74 -9.75 7.48
N LEU A 147 9.53 -9.69 8.03
CA LEU A 147 8.90 -10.83 8.71
C LEU A 147 7.91 -11.49 7.78
N VAL A 148 7.72 -12.79 7.98
CA VAL A 148 6.97 -13.64 7.05
C VAL A 148 5.90 -14.39 7.83
N ASP A 149 4.68 -14.41 7.30
CA ASP A 149 3.60 -15.15 7.94
C ASP A 149 3.47 -16.53 7.31
N ASN A 150 2.54 -17.34 7.84
CA ASN A 150 2.42 -18.73 7.39
C ASN A 150 2.13 -18.84 5.90
N ASP A 151 1.57 -17.80 5.27
CA ASP A 151 1.25 -17.81 3.86
C ASP A 151 2.31 -17.12 2.99
N PHE A 152 3.50 -16.89 3.54
CA PHE A 152 4.66 -16.32 2.83
C PHE A 152 4.47 -14.87 2.41
N HIS A 153 3.47 -14.17 2.96
CA HIS A 153 3.42 -12.72 2.81
C HIS A 153 4.34 -12.07 3.83
N ILE A 154 4.75 -10.83 3.56
CA ILE A 154 5.76 -10.20 4.38
C ILE A 154 5.24 -8.90 4.98
N LYS A 155 5.83 -8.53 6.11
CA LYS A 155 5.60 -7.25 6.75
C LYS A 155 6.94 -6.67 7.17
N ILE A 156 7.10 -5.36 7.00
CA ILE A 156 8.34 -4.68 7.36
C ILE A 156 8.24 -4.26 8.82
N ALA A 157 9.30 -4.55 9.59
CA ALA A 157 9.36 -4.31 11.02
C ALA A 157 10.46 -3.30 11.32
N ASP A 158 10.55 -2.89 12.60
CA ASP A 158 11.60 -1.96 13.01
C ASP A 158 12.19 -2.46 14.32
N LEU A 159 12.73 -3.68 14.27
CA LEU A 159 13.08 -4.39 15.50
C LEU A 159 14.25 -3.73 16.22
N GLY A 160 15.12 -3.03 15.50
CA GLY A 160 16.15 -2.28 16.17
C GLY A 160 15.71 -0.94 16.72
N LEU A 161 14.43 -0.56 16.57
CA LEU A 161 13.92 0.70 17.12
C LEU A 161 14.56 1.92 16.45
N ALA A 162 14.91 1.80 15.17
CA ALA A 162 15.52 2.94 14.47
C ALA A 162 14.51 4.07 14.24
N SER A 163 13.22 3.77 14.15
CA SER A 163 12.21 4.81 14.05
C SER A 163 11.53 5.13 15.38
N PHE A 164 11.76 4.32 16.41
CA PHE A 164 11.22 4.55 17.76
C PHE A 164 12.23 5.36 18.57
N LYS A 165 12.23 6.69 18.39
CA LYS A 165 13.24 7.51 19.06
C LYS A 165 13.20 7.34 20.58
N MET A 166 12.04 7.57 21.20
CA MET A 166 11.97 7.58 22.66
C MET A 166 12.18 6.18 23.25
N TRP A 167 11.49 5.17 22.72
CA TRP A 167 11.75 3.81 23.19
C TRP A 167 13.21 3.41 22.98
N SER A 168 13.87 3.92 21.94
CA SER A 168 15.27 3.57 21.72
C SER A 168 16.15 4.16 22.81
N LYS A 169 15.95 5.45 23.13
CA LYS A 169 16.63 6.05 24.27
C LYS A 169 16.30 5.29 25.56
N LEU A 170 15.02 5.01 25.80
CA LEU A 170 14.62 4.21 26.94
C LEU A 170 15.44 2.92 27.01
N ASN A 171 15.62 2.27 25.87
CA ASN A 171 16.38 1.02 25.80
C ASN A 171 17.85 1.19 26.18
N ASN A 172 18.39 2.41 26.05
CA ASN A 172 19.82 2.67 26.25
C ASN A 172 20.13 3.37 27.57
N GLU A 173 19.14 3.63 28.42
CA GLU A 173 19.38 4.37 29.65
C GLU A 173 20.35 3.63 30.56
N GLU A 174 21.16 4.40 31.29
CA GLU A 174 22.22 3.80 32.11
C GLU A 174 21.63 2.91 33.21
N HIS A 175 20.60 3.39 33.90
CA HIS A 175 20.01 2.67 35.01
C HIS A 175 18.97 1.65 34.58
N ASN A 176 18.95 1.30 33.29
CA ASN A 176 18.25 0.11 32.82
C ASN A 176 18.92 -1.14 33.41
N GLU A 177 18.24 -2.28 33.28
CA GLU A 177 18.81 -3.53 33.78
C GLU A 177 19.07 -4.53 32.66
N GLY A 190 23.30 -4.08 13.75
CA GLY A 190 24.75 -3.91 13.83
C GLY A 190 25.44 -4.29 12.55
N THR A 191 24.77 -5.12 11.75
CA THR A 191 25.37 -5.60 10.50
C THR A 191 25.45 -4.45 9.50
N LEU A 192 26.55 -4.41 8.77
CA LEU A 192 26.78 -3.35 7.79
C LEU A 192 26.56 -3.82 6.37
N TYR A 193 26.26 -5.11 6.18
CA TYR A 193 26.03 -5.63 4.84
C TYR A 193 25.00 -4.84 4.04
N TYR A 194 24.01 -4.22 4.71
CA TYR A 194 22.89 -3.60 4.00
C TYR A 194 22.95 -2.07 4.04
N MET A 195 24.03 -1.50 4.55
CA MET A 195 24.17 -0.06 4.71
C MET A 195 24.76 0.55 3.45
N ALA A 196 24.11 1.60 2.95
CA ALA A 196 24.63 2.33 1.80
C ALA A 196 26.03 2.84 2.12
N PRO A 197 26.95 2.79 1.16
CA PRO A 197 28.34 3.13 1.48
C PRO A 197 28.52 4.54 2.00
N GLU A 198 27.59 5.47 1.66
CA GLU A 198 27.61 6.81 2.21
C GLU A 198 27.57 6.83 3.72
N HIS A 199 27.07 5.77 4.36
CA HIS A 199 26.94 5.71 5.80
C HIS A 199 28.03 4.87 6.48
N LEU A 200 28.90 4.22 5.72
CA LEU A 200 29.97 3.45 6.33
C LEU A 200 31.16 4.37 6.63
N ASN A 201 31.61 4.36 7.89
CA ASN A 201 32.65 5.27 8.36
C ASN A 201 32.25 6.74 8.16
N ASP A 202 31.00 7.07 8.49
CA ASP A 202 30.51 8.45 8.36
C ASP A 202 29.20 8.61 9.11
N VAL A 203 29.28 8.84 10.42
CA VAL A 203 28.10 8.89 11.28
C VAL A 203 27.48 10.29 11.21
N ASN A 204 27.95 11.12 10.29
CA ASN A 204 27.45 12.48 10.14
C ASN A 204 26.69 12.69 8.82
N ALA A 205 26.44 11.62 8.08
CA ALA A 205 25.56 11.65 6.92
C ALA A 205 24.14 11.31 7.36
N LYS A 206 23.19 12.08 6.86
CA LYS A 206 21.79 11.82 7.20
C LYS A 206 21.21 10.80 6.22
N PRO A 207 20.59 9.72 6.70
CA PRO A 207 20.00 8.76 5.78
C PRO A 207 18.83 9.38 5.04
N THR A 208 18.60 8.87 3.83
CA THR A 208 17.56 9.35 2.94
C THR A 208 16.81 8.15 2.41
N GLU A 209 15.79 8.42 1.59
CA GLU A 209 15.08 7.34 0.91
C GLU A 209 16.02 6.48 0.09
N LYS A 210 17.06 7.09 -0.51
CA LYS A 210 18.01 6.33 -1.32
C LYS A 210 18.89 5.41 -0.46
N SER A 211 19.09 5.75 0.81
CA SER A 211 19.73 4.82 1.74
C SER A 211 18.97 3.50 1.81
N ASP A 212 17.64 3.58 1.94
CA ASP A 212 16.80 2.38 1.98
C ASP A 212 16.80 1.63 0.66
N VAL A 213 16.84 2.35 -0.46
CA VAL A 213 16.88 1.71 -1.76
C VAL A 213 18.13 0.84 -1.90
N TYR A 214 19.27 1.36 -1.44
CA TYR A 214 20.49 0.55 -1.46
C TYR A 214 20.29 -0.72 -0.66
N SER A 215 19.79 -0.58 0.58
CA SER A 215 19.53 -1.76 1.41
C SER A 215 18.69 -2.78 0.66
N PHE A 216 17.61 -2.31 0.03
CA PHE A 216 16.76 -3.15 -0.80
C PHE A 216 17.57 -3.91 -1.83
N ALA A 217 18.54 -3.26 -2.50
CA ALA A 217 19.35 -3.95 -3.49
C ALA A 217 20.02 -5.17 -2.90
N VAL A 218 20.61 -5.04 -1.72
CA VAL A 218 21.32 -6.16 -1.09
C VAL A 218 20.31 -7.21 -0.61
N VAL A 219 19.11 -6.79 -0.21
CA VAL A 219 18.07 -7.77 0.11
C VAL A 219 17.70 -8.58 -1.13
N LEU A 220 17.59 -7.91 -2.28
CA LEU A 220 17.34 -8.59 -3.54
C LEU A 220 18.38 -9.67 -3.80
N TRP A 221 19.66 -9.33 -3.64
CA TRP A 221 20.71 -10.33 -3.80
C TRP A 221 20.54 -11.48 -2.80
N ALA A 222 20.33 -11.17 -1.52
CA ALA A 222 20.16 -12.22 -0.53
C ALA A 222 19.01 -13.15 -0.88
N ILE A 223 17.93 -12.61 -1.46
CA ILE A 223 16.76 -13.42 -1.75
C ILE A 223 17.11 -14.53 -2.75
N PHE A 224 17.94 -14.22 -3.73
CA PHE A 224 18.30 -15.27 -4.68
C PHE A 224 19.54 -16.07 -4.28
N ALA A 225 20.48 -15.49 -3.52
CA ALA A 225 21.62 -16.28 -3.03
C ALA A 225 21.24 -17.18 -1.87
N ASN A 226 20.11 -16.92 -1.20
CA ASN A 226 19.69 -17.72 -0.04
C ASN A 226 20.69 -17.61 1.11
N LYS A 227 21.41 -16.50 1.22
CA LYS A 227 22.38 -16.34 2.29
C LYS A 227 22.80 -14.88 2.37
N GLU A 228 23.59 -14.57 3.39
CA GLU A 228 24.16 -13.24 3.54
C GLU A 228 25.27 -13.03 2.50
N PRO A 229 25.49 -11.79 2.09
CA PRO A 229 26.62 -11.48 1.20
C PRO A 229 27.93 -11.43 1.98
N TYR A 230 29.03 -11.38 1.21
CA TYR A 230 30.36 -11.05 1.72
C TYR A 230 30.92 -12.13 2.66
N GLU A 231 30.53 -13.40 2.44
CA GLU A 231 31.00 -14.48 3.30
C GLU A 231 32.53 -14.55 3.36
N ASN A 232 33.24 -14.07 2.34
CA ASN A 232 34.70 -14.15 2.34
C ASN A 232 35.36 -12.97 3.04
N ALA A 233 34.59 -11.98 3.48
CA ALA A 233 35.14 -10.86 4.21
C ALA A 233 35.76 -11.31 5.53
N ILE A 234 36.92 -10.73 5.86
CA ILE A 234 37.69 -11.13 7.05
C ILE A 234 37.55 -10.11 8.17
N ALA A 235 37.74 -8.83 7.87
CA ALA A 235 37.74 -7.80 8.91
C ALA A 235 36.73 -6.71 8.56
N GLU A 236 36.13 -6.13 9.60
CA GLU A 236 35.13 -5.10 9.42
C GLU A 236 35.69 -3.92 8.65
N GLN A 237 36.90 -3.48 9.00
CA GLN A 237 37.50 -2.36 8.29
C GLN A 237 37.83 -2.71 6.84
N GLN A 238 38.18 -3.97 6.58
CA GLN A 238 38.37 -4.40 5.20
C GLN A 238 37.06 -4.33 4.43
N LEU A 239 35.96 -4.77 5.06
CA LEU A 239 34.67 -4.73 4.39
C LEU A 239 34.23 -3.30 4.10
N ILE A 240 34.31 -2.43 5.11
CA ILE A 240 33.86 -1.05 4.95
C ILE A 240 34.62 -0.36 3.83
N MET A 241 35.94 -0.50 3.84
CA MET A 241 36.77 0.12 2.83
C MET A 241 36.48 -0.49 1.46
N ALA A 242 36.22 -1.80 1.42
CA ALA A 242 35.95 -2.44 0.14
C ALA A 242 34.62 -1.95 -0.46
N ILE A 243 33.57 -1.86 0.35
CA ILE A 243 32.28 -1.47 -0.21
C ILE A 243 32.29 -0.01 -0.65
N LYS A 244 32.93 0.85 0.14
CA LYS A 244 33.08 2.26 -0.24
C LYS A 244 33.92 2.43 -1.49
N SER A 245 34.86 1.51 -1.75
CA SER A 245 35.61 1.57 -3.00
C SER A 245 34.85 0.95 -4.17
N GLY A 246 33.68 0.37 -3.94
CA GLY A 246 32.85 -0.14 -5.04
C GLY A 246 32.56 -1.63 -5.02
N ASN A 247 33.10 -2.40 -4.07
CA ASN A 247 32.72 -3.81 -3.96
C ASN A 247 31.23 -3.93 -3.65
N ARG A 248 30.61 -4.97 -4.22
CA ARG A 248 29.21 -5.26 -3.98
C ARG A 248 29.04 -6.77 -3.79
N PRO A 249 27.84 -7.26 -3.44
CA PRO A 249 27.67 -8.71 -3.31
C PRO A 249 27.98 -9.40 -4.62
N ASP A 250 28.56 -10.59 -4.51
CA ASP A 250 29.06 -11.30 -5.68
C ASP A 250 27.89 -11.91 -6.43
N VAL A 251 27.58 -11.33 -7.58
CA VAL A 251 26.48 -11.79 -8.42
C VAL A 251 26.75 -13.19 -8.98
N ASP A 252 28.02 -13.53 -9.20
CA ASP A 252 28.33 -14.88 -9.67
C ASP A 252 28.06 -15.93 -8.60
N ASP A 253 28.00 -15.51 -7.34
CA ASP A 253 27.71 -16.43 -6.25
C ASP A 253 26.25 -16.83 -6.19
N ILE A 254 25.42 -16.31 -7.08
CA ILE A 254 24.03 -16.74 -7.20
C ILE A 254 24.02 -18.01 -8.04
N THR A 255 23.80 -19.16 -7.40
CA THR A 255 23.79 -20.42 -8.13
C THR A 255 22.41 -20.69 -8.74
N GLU A 256 21.35 -20.55 -7.96
CA GLU A 256 20.03 -20.81 -8.53
C GLU A 256 19.68 -19.71 -9.54
N TYR A 257 18.70 -20.02 -10.39
CA TYR A 257 18.33 -19.11 -11.48
C TYR A 257 17.85 -17.77 -10.93
N CYS A 258 18.35 -16.68 -11.52
CA CYS A 258 17.87 -15.35 -11.18
C CYS A 258 17.61 -14.57 -12.47
N PRO A 259 16.35 -14.21 -12.75
CA PRO A 259 16.04 -13.37 -13.92
C PRO A 259 17.03 -12.24 -14.11
N ARG A 260 17.44 -12.05 -15.36
CA ARG A 260 18.42 -11.00 -15.69
C ARG A 260 17.89 -9.62 -15.28
N GLU A 261 16.60 -9.39 -15.42
CA GLU A 261 16.02 -8.11 -15.04
C GLU A 261 16.23 -7.83 -13.57
N ILE A 262 16.21 -8.87 -12.74
CA ILE A 262 16.37 -8.66 -11.31
C ILE A 262 17.84 -8.41 -10.99
N ILE A 263 18.75 -9.05 -11.73
CA ILE A 263 20.16 -8.72 -11.58
C ILE A 263 20.40 -7.27 -11.94
N SER A 264 19.78 -6.80 -13.04
CA SER A 264 19.90 -5.40 -13.42
C SER A 264 19.30 -4.48 -12.35
N LEU A 265 18.18 -4.86 -11.76
CA LEU A 265 17.55 -3.99 -10.75
C LEU A 265 18.46 -3.81 -9.53
N MET A 266 19.03 -4.90 -9.01
CA MET A 266 19.85 -4.78 -7.81
C MET A 266 21.10 -3.95 -8.10
N LYS A 267 21.71 -4.14 -9.28
CA LYS A 267 22.83 -3.28 -9.68
C LYS A 267 22.41 -1.82 -9.75
N LEU A 268 21.24 -1.55 -10.30
CA LEU A 268 20.75 -0.18 -10.33
C LEU A 268 20.50 0.34 -8.91
N CYS A 269 19.96 -0.49 -8.04
CA CYS A 269 19.61 -0.01 -6.72
C CYS A 269 20.80 0.14 -5.79
N TRP A 270 21.94 -0.49 -6.08
CA TRP A 270 23.11 -0.29 -5.24
C TRP A 270 24.21 0.55 -5.92
N GLU A 271 23.84 1.38 -6.90
CA GLU A 271 24.80 2.33 -7.47
C GLU A 271 25.40 3.20 -6.37
N ALA A 272 26.68 3.53 -6.51
CA ALA A 272 27.33 4.34 -5.49
C ALA A 272 26.67 5.72 -5.37
N ASN A 273 26.27 6.32 -6.48
CA ASN A 273 25.66 7.65 -6.44
C ASN A 273 24.21 7.54 -5.96
N PRO A 274 23.91 7.95 -4.71
CA PRO A 274 22.55 7.77 -4.18
C PRO A 274 21.50 8.41 -5.05
N GLU A 275 21.81 9.61 -5.58
CA GLU A 275 20.86 10.32 -6.42
C GLU A 275 20.55 9.55 -7.69
N ALA A 276 21.42 8.61 -8.10
CA ALA A 276 21.11 7.83 -9.30
C ALA A 276 20.26 6.60 -9.01
N ARG A 277 20.08 6.21 -7.75
CA ARG A 277 19.22 5.09 -7.44
C ARG A 277 17.75 5.50 -7.62
N PRO A 278 16.90 4.59 -8.07
CA PRO A 278 15.50 4.95 -8.29
C PRO A 278 14.74 5.15 -6.99
N THR A 279 13.47 5.56 -7.07
CA THR A 279 12.60 5.57 -5.90
C THR A 279 11.81 4.27 -5.83
N PHE A 280 11.19 4.04 -4.70
CA PHE A 280 10.39 2.82 -4.62
C PHE A 280 9.19 2.85 -5.57
N PRO A 281 8.53 4.00 -5.80
CA PRO A 281 7.52 4.01 -6.87
C PRO A 281 8.09 3.74 -8.26
N GLY A 282 9.28 4.27 -8.57
CA GLY A 282 9.92 3.92 -9.83
C GLY A 282 10.26 2.44 -9.92
N ILE A 283 10.76 1.87 -8.82
CA ILE A 283 11.00 0.42 -8.80
C ILE A 283 9.70 -0.34 -9.03
N GLU A 284 8.63 0.07 -8.32
CA GLU A 284 7.37 -0.67 -8.43
C GLU A 284 6.83 -0.66 -9.86
N GLU A 285 6.86 0.50 -10.53
CA GLU A 285 6.37 0.56 -11.90
C GLU A 285 7.13 -0.37 -12.84
N LYS A 286 8.42 -0.59 -12.58
CA LYS A 286 9.16 -1.58 -13.37
C LYS A 286 8.77 -2.99 -12.97
N PHE A 287 8.88 -3.30 -11.68
CA PHE A 287 8.88 -4.69 -11.26
C PHE A 287 7.48 -5.32 -11.25
N ARG A 288 6.43 -4.55 -10.96
CA ARG A 288 5.10 -5.17 -10.93
C ARG A 288 4.69 -5.77 -12.27
N PRO A 289 4.77 -5.04 -13.40
CA PRO A 289 4.45 -5.70 -14.68
C PRO A 289 5.40 -6.84 -15.01
N PHE A 290 6.68 -6.74 -14.63
CA PHE A 290 7.58 -7.87 -14.86
C PHE A 290 7.20 -9.05 -13.97
N TYR A 291 6.90 -8.80 -12.70
CA TYR A 291 6.43 -9.87 -11.82
C TYR A 291 5.21 -10.58 -12.42
N LEU A 292 4.18 -9.80 -12.76
CA LEU A 292 2.94 -10.39 -13.26
C LEU A 292 3.17 -11.23 -14.52
N SER A 293 3.92 -10.68 -15.49
CA SER A 293 4.04 -11.37 -16.77
C SER A 293 4.98 -12.57 -16.71
N GLN A 294 6.01 -12.53 -15.87
CA GLN A 294 7.08 -13.52 -15.91
C GLN A 294 7.12 -14.49 -14.73
N LEU A 295 6.83 -14.03 -13.51
CA LEU A 295 7.08 -14.83 -12.33
C LEU A 295 5.83 -15.35 -11.64
N GLU A 296 4.72 -14.60 -11.69
CA GLU A 296 3.54 -15.00 -10.93
C GLU A 296 3.01 -16.37 -11.34
N LYS B 13 3.44 19.63 -20.92
CA LYS B 13 4.21 18.51 -20.41
C LYS B 13 4.48 17.47 -21.52
N MET B 14 3.49 17.23 -22.37
CA MET B 14 3.66 16.34 -23.51
C MET B 14 3.25 17.07 -24.78
N LYS B 15 4.02 16.87 -25.84
CA LYS B 15 3.75 17.47 -27.13
C LYS B 15 2.91 16.52 -27.98
N SER B 16 2.04 17.10 -28.81
CA SER B 16 1.23 16.29 -29.72
C SER B 16 2.11 15.54 -30.71
N SER B 17 3.24 16.12 -31.11
CA SER B 17 4.18 15.47 -32.00
C SER B 17 4.85 14.25 -31.37
N ASP B 18 4.69 14.06 -30.06
CA ASP B 18 5.15 12.85 -29.39
C ASP B 18 4.22 11.67 -29.60
N PHE B 19 3.22 11.79 -30.48
CA PHE B 19 2.21 10.76 -30.69
C PHE B 19 2.09 10.44 -32.18
N LEU B 20 1.58 9.24 -32.47
CA LEU B 20 1.76 8.62 -33.78
C LEU B 20 0.47 8.24 -34.51
N GLU B 21 -0.64 8.03 -33.81
CA GLU B 21 -1.89 7.67 -34.47
C GLU B 21 -3.05 7.89 -33.50
N SER B 22 -4.14 8.46 -34.01
CA SER B 22 -5.28 8.78 -33.16
C SER B 22 -6.59 8.37 -33.82
N LYS B 32 -11.96 14.97 -27.64
CA LYS B 32 -12.46 13.64 -28.02
C LYS B 32 -11.93 12.58 -27.07
N VAL B 33 -12.05 11.31 -27.46
CA VAL B 33 -11.44 10.18 -26.76
C VAL B 33 -10.87 9.24 -27.83
N SER B 34 -9.54 9.15 -27.91
CA SER B 34 -8.92 8.31 -28.91
C SER B 34 -7.69 7.62 -28.33
N LEU B 35 -7.40 6.43 -28.86
CA LEU B 35 -6.12 5.78 -28.61
C LEU B 35 -5.00 6.56 -29.28
N ALA B 36 -3.83 6.53 -28.66
CA ALA B 36 -2.67 7.19 -29.22
C ALA B 36 -1.43 6.38 -28.90
N PHE B 37 -0.57 6.22 -29.91
CA PHE B 37 0.71 5.56 -29.76
C PHE B 37 1.77 6.61 -29.45
N HIS B 38 2.37 6.51 -28.28
CA HIS B 38 3.41 7.44 -27.87
C HIS B 38 4.76 7.02 -28.45
N GLN B 41 6.61 5.70 -24.69
CA GLN B 41 6.00 5.26 -23.42
C GLN B 41 4.86 4.27 -23.67
N GLY B 42 4.43 4.13 -24.92
CA GLY B 42 3.53 3.06 -25.30
C GLY B 42 2.22 3.59 -25.89
N LEU B 43 1.12 2.95 -25.49
CA LEU B 43 -0.22 3.23 -25.97
C LEU B 43 -1.05 3.82 -24.84
N MET B 44 -1.86 4.85 -25.14
CA MET B 44 -2.53 5.55 -24.06
C MET B 44 -3.81 6.22 -24.56
N ILE B 45 -4.61 6.67 -23.59
CA ILE B 45 -5.91 7.27 -23.84
C ILE B 45 -5.78 8.78 -23.77
N MET B 46 -6.35 9.46 -24.76
CA MET B 46 -6.29 10.90 -24.87
C MET B 46 -7.70 11.49 -24.81
N LYS B 47 -7.89 12.47 -23.94
CA LYS B 47 -9.15 13.20 -23.84
C LYS B 47 -8.87 14.68 -24.10
N THR B 48 -9.50 15.23 -25.13
CA THR B 48 -9.40 16.65 -25.42
C THR B 48 -10.56 17.38 -24.76
N VAL B 49 -10.27 18.49 -24.11
CA VAL B 49 -11.30 19.32 -23.49
C VAL B 49 -11.12 20.79 -23.87
N GLU B 57 -4.29 32.06 -20.31
CA GLU B 57 -4.54 32.69 -19.01
C GLU B 57 -4.55 31.65 -17.89
N HIS B 58 -5.49 30.71 -17.97
CA HIS B 58 -5.62 29.65 -16.98
C HIS B 58 -4.49 28.62 -17.03
N ASN B 59 -3.53 28.75 -17.95
CA ASN B 59 -2.63 27.64 -18.24
C ASN B 59 -1.74 27.26 -17.05
N GLU B 60 -1.31 28.24 -16.25
CA GLU B 60 -0.47 27.90 -15.10
C GLU B 60 -1.25 27.12 -14.06
N ALA B 61 -2.55 27.37 -13.95
CA ALA B 61 -3.36 26.62 -12.98
C ALA B 61 -3.62 25.20 -13.48
N LEU B 62 -3.92 25.06 -14.77
CA LEU B 62 -4.13 23.74 -15.36
C LEU B 62 -2.89 22.86 -15.20
N LEU B 63 -1.70 23.45 -15.33
CA LEU B 63 -0.47 22.69 -15.26
C LEU B 63 -0.15 22.26 -13.83
N GLU B 64 -0.25 23.19 -12.88
CA GLU B 64 -0.04 22.81 -11.49
C GLU B 64 -1.00 21.69 -11.09
N GLU B 65 -2.25 21.76 -11.55
CA GLU B 65 -3.23 20.76 -11.17
C GLU B 65 -2.85 19.38 -11.69
N ALA B 66 -2.54 19.29 -12.98
CA ALA B 66 -2.12 18.01 -13.54
C ALA B 66 -0.87 17.49 -12.83
N LYS B 67 -0.01 18.39 -12.35
CA LYS B 67 1.17 17.99 -11.61
C LYS B 67 0.80 17.38 -10.27
N MET B 68 -0.10 18.02 -9.53
CA MET B 68 -0.55 17.46 -8.26
C MET B 68 -1.22 16.12 -8.48
N MET B 69 -2.13 16.03 -9.46
CA MET B 69 -2.75 14.76 -9.79
C MET B 69 -1.70 13.73 -10.21
N ASN B 70 -0.70 14.16 -10.97
CA ASN B 70 0.38 13.27 -11.40
C ASN B 70 1.11 12.62 -10.24
N ARG B 71 1.07 13.21 -9.05
CA ARG B 71 1.81 12.68 -7.91
C ARG B 71 1.01 11.66 -7.11
N LEU B 72 -0.23 11.37 -7.51
CA LEU B 72 -1.01 10.29 -6.88
C LEU B 72 -0.63 9.00 -7.59
N ARG B 73 0.40 8.33 -7.09
CA ARG B 73 0.99 7.16 -7.72
C ARG B 73 0.77 5.95 -6.82
N HIS B 74 -0.01 5.00 -7.30
CA HIS B 74 -0.30 3.78 -6.59
C HIS B 74 -0.76 2.77 -7.63
N SER B 75 -0.59 1.48 -7.31
CA SER B 75 -0.89 0.47 -8.31
C SER B 75 -2.39 0.37 -8.61
N ARG B 76 -3.26 0.80 -7.70
CA ARG B 76 -4.71 0.74 -7.92
C ARG B 76 -5.30 2.11 -8.28
N VAL B 77 -4.47 3.03 -8.77
CA VAL B 77 -4.92 4.37 -9.16
C VAL B 77 -4.40 4.65 -10.57
N VAL B 78 -5.28 5.08 -11.49
CA VAL B 78 -4.80 5.34 -12.85
C VAL B 78 -3.77 6.47 -12.83
N LYS B 79 -2.77 6.35 -13.70
CA LYS B 79 -1.75 7.37 -13.84
C LYS B 79 -2.24 8.44 -14.82
N LEU B 80 -2.07 9.71 -14.46
CA LEU B 80 -2.14 10.80 -15.42
C LEU B 80 -0.76 10.92 -16.07
N LEU B 81 -0.63 10.47 -17.31
CA LEU B 81 0.69 10.35 -17.93
C LEU B 81 1.22 11.70 -18.41
N GLY B 82 0.37 12.52 -18.98
CA GLY B 82 0.84 13.81 -19.45
C GLY B 82 -0.33 14.68 -19.84
N VAL B 83 -0.02 15.92 -20.19
CA VAL B 83 -1.01 16.88 -20.63
C VAL B 83 -0.58 17.47 -21.97
N ILE B 84 -1.55 17.71 -22.86
CA ILE B 84 -1.33 18.39 -24.13
C ILE B 84 -2.07 19.72 -24.06
N ILE B 85 -1.33 20.81 -24.09
CA ILE B 85 -1.89 22.15 -24.18
C ILE B 85 -1.37 22.76 -25.49
N GLU B 86 -2.17 22.63 -26.54
CA GLU B 86 -1.86 23.32 -27.79
C GLU B 86 -2.29 24.77 -27.65
N GLU B 87 -2.21 25.54 -28.74
CA GLU B 87 -2.70 26.92 -28.69
C GLU B 87 -4.19 26.95 -28.36
N GLY B 88 -4.98 26.14 -29.07
CA GLY B 88 -6.41 26.12 -28.85
C GLY B 88 -6.94 24.93 -28.08
N LYS B 89 -6.50 23.72 -28.45
CA LYS B 89 -7.03 22.49 -27.87
C LYS B 89 -6.31 22.12 -26.59
N TYR B 90 -7.08 21.60 -25.62
CA TYR B 90 -6.56 21.19 -24.32
C TYR B 90 -6.86 19.71 -24.12
N SER B 91 -5.83 18.94 -23.76
CA SER B 91 -5.94 17.49 -23.71
C SER B 91 -5.25 16.92 -22.48
N LEU B 92 -5.87 15.88 -21.92
CA LEU B 92 -5.28 15.04 -20.88
C LEU B 92 -4.97 13.66 -21.44
N VAL B 93 -3.88 13.05 -20.96
CA VAL B 93 -3.41 11.77 -21.48
C VAL B 93 -3.20 10.81 -20.31
N MET B 94 -3.76 9.61 -20.42
CA MET B 94 -3.96 8.69 -19.31
C MET B 94 -3.60 7.27 -19.75
N GLU B 95 -3.19 6.45 -18.77
CA GLU B 95 -2.99 5.02 -19.01
C GLU B 95 -4.13 4.40 -19.80
N TYR B 96 -3.80 3.42 -20.60
CA TYR B 96 -4.78 2.65 -21.36
C TYR B 96 -5.10 1.37 -20.58
N MET B 97 -6.37 1.20 -20.22
CA MET B 97 -6.84 0.04 -19.48
C MET B 97 -7.72 -0.77 -20.44
N GLU B 98 -7.22 -1.93 -20.87
CA GLU B 98 -7.74 -2.58 -22.07
C GLU B 98 -9.15 -3.12 -21.92
N LYS B 99 -9.57 -3.50 -20.71
CA LYS B 99 -10.87 -4.15 -20.57
C LYS B 99 -12.00 -3.16 -20.29
N GLY B 100 -11.69 -1.87 -20.17
CA GLY B 100 -12.73 -0.89 -19.94
C GLY B 100 -13.05 -0.76 -18.46
N ASN B 101 -14.28 -0.34 -18.18
CA ASN B 101 -14.68 -0.12 -16.79
C ASN B 101 -15.30 -1.39 -16.20
N LEU B 102 -15.46 -1.36 -14.88
CA LEU B 102 -15.89 -2.55 -14.14
C LEU B 102 -17.23 -3.07 -14.63
N MET B 103 -18.15 -2.17 -14.98
CA MET B 103 -19.47 -2.63 -15.36
C MET B 103 -19.44 -3.32 -16.71
N HIS B 104 -18.61 -2.83 -17.63
CA HIS B 104 -18.45 -3.53 -18.89
C HIS B 104 -17.90 -4.94 -18.66
N VAL B 105 -16.97 -5.08 -17.73
CA VAL B 105 -16.45 -6.42 -17.41
C VAL B 105 -17.57 -7.29 -16.84
N LEU B 106 -18.30 -6.77 -15.84
CA LEU B 106 -19.28 -7.60 -15.13
C LEU B 106 -20.39 -8.06 -16.06
N LYS B 107 -20.69 -7.30 -17.11
CA LYS B 107 -21.76 -7.67 -18.02
C LYS B 107 -21.25 -8.50 -19.22
N ALA B 108 -20.04 -9.03 -19.15
CA ALA B 108 -19.49 -9.79 -20.28
C ALA B 108 -20.04 -11.21 -20.27
N SER B 111 -18.32 -15.16 -17.70
CA SER B 111 -18.51 -14.45 -16.42
C SER B 111 -17.26 -14.50 -15.55
N THR B 112 -17.25 -13.69 -14.51
CA THR B 112 -16.06 -13.47 -13.70
C THR B 112 -16.12 -14.29 -12.42
N PRO B 113 -15.10 -15.08 -12.12
CA PRO B 113 -15.21 -16.00 -10.98
C PRO B 113 -15.13 -15.27 -9.65
N LEU B 114 -15.73 -15.89 -8.64
CA LEU B 114 -15.77 -15.36 -7.29
C LEU B 114 -14.39 -14.90 -6.81
N SER B 115 -13.36 -15.71 -7.08
CA SER B 115 -12.02 -15.38 -6.60
C SER B 115 -11.52 -14.08 -7.22
N VAL B 116 -11.88 -13.85 -8.48
CA VAL B 116 -11.48 -12.61 -9.15
C VAL B 116 -12.33 -11.43 -8.66
N LYS B 117 -13.62 -11.66 -8.41
CA LYS B 117 -14.44 -10.63 -7.80
C LYS B 117 -13.90 -10.26 -6.42
N GLY B 118 -13.50 -11.24 -5.63
CA GLY B 118 -12.92 -10.95 -4.33
C GLY B 118 -11.67 -10.12 -4.45
N ARG B 119 -10.89 -10.34 -5.51
CA ARG B 119 -9.63 -9.61 -5.66
C ARG B 119 -9.90 -8.16 -6.11
N ILE B 120 -10.85 -7.97 -7.02
CA ILE B 120 -11.25 -6.62 -7.43
C ILE B 120 -11.63 -5.79 -6.21
N ILE B 121 -12.46 -6.36 -5.33
CA ILE B 121 -12.84 -5.69 -4.10
C ILE B 121 -11.61 -5.31 -3.28
N LEU B 122 -10.68 -6.25 -3.10
CA LEU B 122 -9.50 -5.94 -2.30
C LEU B 122 -8.71 -4.80 -2.94
N GLU B 123 -8.60 -4.81 -4.27
CA GLU B 123 -7.84 -3.78 -4.94
C GLU B 123 -8.55 -2.42 -4.84
N ILE B 124 -9.87 -2.37 -5.03
CA ILE B 124 -10.61 -1.11 -4.82
C ILE B 124 -10.31 -0.55 -3.44
N ILE B 125 -10.43 -1.40 -2.41
CA ILE B 125 -10.10 -1.01 -1.04
C ILE B 125 -8.69 -0.41 -0.96
N GLU B 126 -7.71 -1.10 -1.55
CA GLU B 126 -6.33 -0.62 -1.50
C GLU B 126 -6.21 0.77 -2.14
N GLY B 127 -6.74 0.93 -3.34
CA GLY B 127 -6.70 2.24 -3.97
C GLY B 127 -7.39 3.31 -3.15
N MET B 128 -8.55 2.97 -2.58
CA MET B 128 -9.28 3.99 -1.82
C MET B 128 -8.57 4.34 -0.52
N ALA B 129 -7.94 3.35 0.13
CA ALA B 129 -7.17 3.67 1.33
C ALA B 129 -5.98 4.55 0.98
N TYR B 130 -5.33 4.29 -0.15
CA TYR B 130 -4.25 5.16 -0.59
C TYR B 130 -4.73 6.60 -0.78
N LEU B 131 -5.87 6.77 -1.47
CA LEU B 131 -6.32 8.11 -1.82
C LEU B 131 -6.71 8.89 -0.58
N HIS B 132 -7.47 8.26 0.32
CA HIS B 132 -7.81 8.89 1.59
C HIS B 132 -6.55 9.21 2.39
N GLY B 133 -5.57 8.29 2.37
CA GLY B 133 -4.32 8.56 3.05
C GLY B 133 -3.62 9.80 2.55
N LYS B 134 -3.79 10.13 1.26
CA LYS B 134 -3.29 11.36 0.64
C LYS B 134 -4.24 12.54 0.82
N GLY B 135 -5.29 12.38 1.61
CA GLY B 135 -6.27 13.43 1.74
C GLY B 135 -7.15 13.65 0.54
N VAL B 136 -7.22 12.70 -0.38
CA VAL B 136 -8.07 12.83 -1.57
C VAL B 136 -9.38 12.09 -1.31
N ILE B 137 -10.49 12.81 -1.32
CA ILE B 137 -11.82 12.24 -1.31
C ILE B 137 -12.29 12.15 -2.75
N HIS B 138 -12.69 10.95 -3.18
CA HIS B 138 -13.04 10.77 -4.59
C HIS B 138 -14.30 11.56 -4.95
N LYS B 139 -15.38 11.32 -4.20
CA LYS B 139 -16.69 11.97 -4.30
C LYS B 139 -17.58 11.37 -5.38
N ASP B 140 -17.02 10.65 -6.36
CA ASP B 140 -17.88 10.05 -7.40
C ASP B 140 -17.39 8.65 -7.73
N LEU B 141 -17.13 7.86 -6.70
CA LEU B 141 -16.75 6.46 -6.92
C LEU B 141 -17.97 5.71 -7.45
N LYS B 142 -17.74 4.83 -8.43
CA LYS B 142 -18.79 4.10 -9.14
C LYS B 142 -18.13 3.20 -10.21
N PRO B 143 -18.85 2.20 -10.74
CA PRO B 143 -18.19 1.25 -11.66
C PRO B 143 -17.55 1.93 -12.88
N GLU B 144 -18.16 2.99 -13.42
CA GLU B 144 -17.53 3.72 -14.53
C GLU B 144 -16.16 4.27 -14.14
N ASN B 145 -15.91 4.52 -12.85
CA ASN B 145 -14.63 5.06 -12.41
C ASN B 145 -13.65 3.98 -11.93
N ILE B 146 -13.93 2.72 -12.20
CA ILE B 146 -13.07 1.62 -11.81
C ILE B 146 -12.68 0.92 -13.09
N LEU B 147 -11.44 1.07 -13.51
CA LEU B 147 -10.98 0.57 -14.80
C LEU B 147 -10.21 -0.73 -14.61
N VAL B 148 -10.23 -1.56 -15.65
CA VAL B 148 -9.82 -2.95 -15.56
C VAL B 148 -8.78 -3.23 -16.66
N ASP B 149 -7.64 -3.80 -16.26
CA ASP B 149 -6.63 -4.13 -17.26
C ASP B 149 -6.83 -5.56 -17.75
N ASN B 150 -5.88 -6.03 -18.57
CA ASN B 150 -6.01 -7.29 -19.27
C ASN B 150 -6.03 -8.48 -18.32
N ASP B 151 -5.34 -8.37 -17.17
CA ASP B 151 -5.30 -9.42 -16.16
C ASP B 151 -6.37 -9.25 -15.08
N PHE B 152 -7.36 -8.38 -15.30
CA PHE B 152 -8.48 -8.18 -14.39
C PHE B 152 -8.07 -7.51 -13.10
N HIS B 153 -6.93 -6.82 -13.08
CA HIS B 153 -6.62 -5.91 -11.99
C HIS B 153 -7.29 -4.56 -12.27
N ILE B 154 -7.52 -3.79 -11.20
CA ILE B 154 -8.26 -2.55 -11.41
C ILE B 154 -7.43 -1.35 -10.97
N LYS B 155 -7.86 -0.18 -11.45
CA LYS B 155 -7.31 1.10 -11.07
C LYS B 155 -8.45 2.11 -11.00
N ILE B 156 -8.45 2.93 -9.96
CA ILE B 156 -9.51 3.91 -9.75
C ILE B 156 -9.19 5.17 -10.54
N ALA B 157 -10.18 5.71 -11.24
CA ALA B 157 -10.01 6.86 -12.11
C ALA B 157 -10.93 7.99 -11.69
N ASP B 158 -10.76 9.14 -12.35
CA ASP B 158 -11.59 10.31 -12.10
C ASP B 158 -12.06 10.87 -13.44
N LEU B 159 -12.78 10.04 -14.20
CA LEU B 159 -13.08 10.41 -15.57
C LEU B 159 -14.01 11.61 -15.66
N GLY B 160 -14.82 11.85 -14.62
CA GLY B 160 -15.68 13.01 -14.59
C GLY B 160 -15.04 14.26 -14.06
N LEU B 161 -13.76 14.19 -13.73
CA LEU B 161 -12.96 15.34 -13.27
C LEU B 161 -13.46 15.92 -11.95
N ALA B 162 -14.06 15.08 -11.09
CA ALA B 162 -14.56 15.59 -9.81
C ALA B 162 -13.44 16.07 -8.90
N SER B 163 -12.20 15.66 -9.15
CA SER B 163 -11.06 16.14 -8.39
C SER B 163 -10.14 17.05 -9.19
N PHE B 164 -10.38 17.18 -10.50
CA PHE B 164 -9.69 18.13 -11.39
C PHE B 164 -10.52 19.41 -11.45
N LYS B 165 -10.37 20.24 -10.41
CA LYS B 165 -11.24 21.42 -10.33
C LYS B 165 -10.96 22.39 -11.48
N MET B 166 -9.69 22.69 -11.73
CA MET B 166 -9.36 23.58 -12.85
C MET B 166 -9.77 22.98 -14.18
N TRP B 167 -9.46 21.70 -14.41
CA TRP B 167 -9.74 21.10 -15.71
C TRP B 167 -11.23 20.89 -15.96
N SER B 168 -12.01 20.59 -14.91
CA SER B 168 -13.45 20.50 -15.15
C SER B 168 -14.07 21.86 -15.42
N LYS B 169 -13.45 22.94 -14.93
CA LYS B 169 -13.90 24.28 -15.27
C LYS B 169 -13.80 24.54 -16.77
N LEU B 170 -12.70 24.09 -17.38
CA LEU B 170 -12.57 24.09 -18.84
C LEU B 170 -13.76 23.38 -19.48
N ASN B 171 -13.86 22.08 -19.22
CA ASN B 171 -14.91 21.24 -19.81
C ASN B 171 -16.32 21.79 -19.59
N GLY B 190 -23.54 11.94 -13.82
CA GLY B 190 -24.68 11.22 -14.38
C GLY B 190 -25.50 10.46 -13.34
N THR B 191 -25.06 9.24 -13.04
CA THR B 191 -25.83 8.36 -12.17
C THR B 191 -25.77 8.84 -10.74
N LEU B 192 -26.88 8.66 -10.03
CA LEU B 192 -26.97 8.93 -8.61
C LEU B 192 -27.00 7.65 -7.78
N TYR B 193 -26.89 6.48 -8.43
CA TYR B 193 -27.11 5.21 -7.72
C TYR B 193 -26.04 4.94 -6.66
N TYR B 194 -24.88 5.56 -6.76
CA TYR B 194 -23.77 5.27 -5.86
C TYR B 194 -23.48 6.44 -4.94
N MET B 195 -24.38 7.43 -4.88
CA MET B 195 -24.18 8.64 -4.12
C MET B 195 -24.77 8.51 -2.71
N ALA B 196 -23.97 8.89 -1.71
CA ALA B 196 -24.45 8.80 -0.33
C ALA B 196 -25.69 9.69 -0.14
N PRO B 197 -26.66 9.25 0.67
CA PRO B 197 -27.91 10.03 0.79
C PRO B 197 -27.71 11.44 1.35
N GLU B 198 -26.68 11.67 2.16
CA GLU B 198 -26.43 13.02 2.64
C GLU B 198 -26.11 14.00 1.49
N HIS B 199 -25.84 13.49 0.29
CA HIS B 199 -25.60 14.39 -0.84
C HIS B 199 -26.78 14.49 -1.79
N LEU B 200 -27.76 13.58 -1.70
CA LEU B 200 -28.98 13.69 -2.46
C LEU B 200 -29.79 14.88 -1.97
N ASN B 201 -30.18 15.76 -2.91
CA ASN B 201 -30.93 16.99 -2.61
C ASN B 201 -30.22 17.88 -1.59
N ASP B 202 -28.89 17.83 -1.54
CA ASP B 202 -28.12 18.70 -0.65
C ASP B 202 -26.73 18.95 -1.22
N VAL B 203 -26.66 19.77 -2.28
CA VAL B 203 -25.41 19.92 -3.02
C VAL B 203 -24.39 20.76 -2.27
N ASN B 204 -24.75 21.41 -1.20
CA ASN B 204 -23.79 22.24 -0.50
C ASN B 204 -23.07 21.49 0.61
N ALA B 205 -23.64 20.37 1.08
CA ALA B 205 -22.94 19.51 2.03
C ALA B 205 -21.61 19.03 1.47
N LYS B 206 -20.59 19.09 2.29
CA LYS B 206 -19.23 18.79 1.88
C LYS B 206 -18.98 17.29 1.97
N PRO B 207 -18.39 16.65 0.96
CA PRO B 207 -18.14 15.21 1.05
C PRO B 207 -17.09 14.88 2.08
N THR B 208 -17.17 13.67 2.62
CA THR B 208 -16.17 13.16 3.55
C THR B 208 -15.70 11.80 3.06
N GLU B 209 -14.74 11.22 3.79
CA GLU B 209 -14.31 9.87 3.47
C GLU B 209 -15.48 8.89 3.51
N LYS B 210 -16.45 9.13 4.39
CA LYS B 210 -17.61 8.27 4.49
C LYS B 210 -18.51 8.35 3.25
N SER B 211 -18.42 9.45 2.48
CA SER B 211 -19.18 9.53 1.22
C SER B 211 -18.72 8.47 0.23
N ASP B 212 -17.40 8.26 0.15
CA ASP B 212 -16.83 7.23 -0.71
C ASP B 212 -17.15 5.84 -0.18
N VAL B 213 -17.20 5.69 1.15
CA VAL B 213 -17.49 4.36 1.70
C VAL B 213 -18.89 3.92 1.28
N TYR B 214 -19.83 4.88 1.24
CA TYR B 214 -21.17 4.54 0.78
C TYR B 214 -21.15 4.07 -0.67
N SER B 215 -20.54 4.87 -1.55
CA SER B 215 -20.40 4.46 -2.94
C SER B 215 -19.82 3.04 -3.05
N PHE B 216 -18.83 2.72 -2.20
CA PHE B 216 -18.19 1.41 -2.24
C PHE B 216 -19.18 0.29 -1.92
N ALA B 217 -20.10 0.53 -0.98
CA ALA B 217 -21.11 -0.47 -0.64
C ALA B 217 -21.95 -0.84 -1.86
N VAL B 218 -22.40 0.16 -2.63
CA VAL B 218 -23.22 -0.12 -3.80
C VAL B 218 -22.39 -0.75 -4.90
N VAL B 219 -21.12 -0.37 -5.02
CA VAL B 219 -20.25 -1.06 -5.98
C VAL B 219 -20.15 -2.55 -5.61
N LEU B 220 -20.01 -2.86 -4.31
CA LEU B 220 -20.02 -4.25 -3.86
C LEU B 220 -21.26 -4.97 -4.37
N TRP B 221 -22.43 -4.35 -4.19
CA TRP B 221 -23.68 -4.93 -4.67
C TRP B 221 -23.62 -5.16 -6.18
N ALA B 222 -23.22 -4.14 -6.92
CA ALA B 222 -23.13 -4.28 -8.38
C ALA B 222 -22.20 -5.41 -8.79
N ILE B 223 -21.06 -5.53 -8.11
CA ILE B 223 -20.10 -6.59 -8.44
C ILE B 223 -20.77 -7.96 -8.40
N PHE B 224 -21.62 -8.19 -7.42
CA PHE B 224 -22.26 -9.49 -7.33
C PHE B 224 -23.59 -9.57 -8.05
N ALA B 225 -24.24 -8.44 -8.37
CA ALA B 225 -25.48 -8.49 -9.14
C ALA B 225 -25.24 -8.53 -10.64
N ASN B 226 -24.06 -8.06 -11.08
CA ASN B 226 -23.69 -7.96 -12.48
C ASN B 226 -24.58 -6.95 -13.23
N LYS B 227 -25.13 -5.95 -12.53
CA LYS B 227 -25.98 -4.95 -13.18
C LYS B 227 -26.13 -3.73 -12.26
N GLU B 228 -26.81 -2.70 -12.77
CA GLU B 228 -27.07 -1.50 -12.00
C GLU B 228 -28.18 -1.75 -10.98
N PRO B 229 -28.14 -1.07 -9.83
CA PRO B 229 -29.22 -1.21 -8.85
C PRO B 229 -30.49 -0.48 -9.29
N TYR B 230 -31.57 -0.78 -8.56
CA TYR B 230 -32.82 -0.01 -8.60
C TYR B 230 -33.54 -0.13 -9.94
N GLU B 231 -33.48 -1.30 -10.58
CA GLU B 231 -34.02 -1.38 -11.94
C GLU B 231 -35.54 -1.27 -12.00
N ASN B 232 -36.25 -1.39 -10.88
CA ASN B 232 -37.70 -1.20 -10.91
C ASN B 232 -38.16 -0.01 -10.05
N ALA B 233 -37.37 1.06 -10.03
CA ALA B 233 -37.80 2.32 -9.46
C ALA B 233 -38.83 3.00 -10.37
N ILE B 234 -39.67 3.85 -9.76
CA ILE B 234 -40.67 4.60 -10.52
C ILE B 234 -40.00 5.61 -11.43
N ALA B 235 -39.27 6.56 -10.82
CA ALA B 235 -38.51 7.60 -11.48
C ALA B 235 -37.55 8.18 -10.45
N GLU B 236 -36.49 8.85 -10.95
CA GLU B 236 -35.40 9.27 -10.06
C GLU B 236 -35.89 10.14 -8.92
N GLN B 237 -36.79 11.10 -9.20
CA GLN B 237 -37.27 12.00 -8.16
C GLN B 237 -37.80 11.23 -6.94
N GLN B 238 -38.71 10.28 -7.15
CA GLN B 238 -39.21 9.53 -6.01
C GLN B 238 -38.18 8.52 -5.51
N LEU B 239 -37.33 8.01 -6.40
CA LEU B 239 -36.25 7.13 -5.96
C LEU B 239 -35.31 7.86 -5.02
N ILE B 240 -34.88 9.07 -5.39
CA ILE B 240 -34.02 9.88 -4.51
C ILE B 240 -34.62 9.95 -3.11
N MET B 241 -35.91 10.29 -3.01
CA MET B 241 -36.51 10.43 -1.69
C MET B 241 -36.56 9.09 -0.96
N ALA B 242 -36.89 8.02 -1.68
CA ALA B 242 -36.89 6.70 -1.05
C ALA B 242 -35.50 6.34 -0.52
N ILE B 243 -34.44 6.63 -1.29
CA ILE B 243 -33.08 6.32 -0.82
C ILE B 243 -32.74 7.14 0.41
N LYS B 244 -33.16 8.40 0.43
CA LYS B 244 -32.93 9.23 1.60
C LYS B 244 -33.67 8.69 2.82
N SER B 245 -34.80 8.04 2.62
CA SER B 245 -35.51 7.45 3.76
C SER B 245 -35.02 6.05 4.09
N GLY B 246 -33.97 5.58 3.43
CA GLY B 246 -33.33 4.32 3.79
C GLY B 246 -33.43 3.21 2.76
N ASN B 247 -34.11 3.43 1.64
CA ASN B 247 -34.12 2.45 0.57
C ASN B 247 -32.69 2.20 0.09
N ARG B 248 -32.42 0.95 -0.28
CA ARG B 248 -31.09 0.49 -0.65
C ARG B 248 -31.25 -0.55 -1.76
N PRO B 249 -30.17 -0.92 -2.47
CA PRO B 249 -30.29 -1.96 -3.49
C PRO B 249 -30.82 -3.27 -2.92
N ASP B 250 -31.60 -3.99 -3.74
CA ASP B 250 -32.29 -5.21 -3.34
C ASP B 250 -31.31 -6.38 -3.33
N VAL B 251 -30.95 -6.85 -2.14
CA VAL B 251 -30.03 -7.99 -2.03
C VAL B 251 -30.61 -9.24 -2.68
N ASP B 252 -31.95 -9.35 -2.78
CA ASP B 252 -32.57 -10.49 -3.44
C ASP B 252 -32.35 -10.49 -4.94
N ASP B 253 -31.98 -9.35 -5.52
CA ASP B 253 -31.67 -9.34 -6.95
C ASP B 253 -30.27 -9.85 -7.25
N ILE B 254 -29.51 -10.21 -6.21
CA ILE B 254 -28.24 -10.91 -6.39
C ILE B 254 -28.57 -12.40 -6.53
N THR B 255 -28.53 -12.90 -7.76
CA THR B 255 -28.84 -14.30 -8.02
C THR B 255 -27.65 -15.20 -7.67
N GLU B 256 -26.47 -14.82 -8.14
CA GLU B 256 -25.17 -15.44 -7.87
C GLU B 256 -24.91 -15.64 -6.37
N TYR B 257 -24.04 -16.59 -6.03
CA TYR B 257 -23.58 -16.72 -4.65
C TYR B 257 -22.77 -15.50 -4.22
N CYS B 258 -23.16 -14.90 -3.11
CA CYS B 258 -22.40 -13.82 -2.50
C CYS B 258 -22.10 -14.17 -1.05
N PRO B 259 -20.83 -14.31 -0.69
CA PRO B 259 -20.48 -14.65 0.69
C PRO B 259 -21.17 -13.76 1.72
N ARG B 260 -21.51 -14.38 2.86
CA ARG B 260 -22.16 -13.67 3.95
C ARG B 260 -21.40 -12.41 4.30
N GLU B 261 -20.07 -12.54 4.44
CA GLU B 261 -19.24 -11.44 4.89
C GLU B 261 -19.38 -10.23 3.98
N ILE B 262 -19.55 -10.47 2.69
CA ILE B 262 -19.68 -9.37 1.74
C ILE B 262 -21.08 -8.77 1.83
N ILE B 263 -22.11 -9.59 1.98
CA ILE B 263 -23.44 -9.03 2.23
C ILE B 263 -23.42 -8.19 3.52
N SER B 264 -22.69 -8.63 4.54
CA SER B 264 -22.62 -7.86 5.79
C SER B 264 -21.88 -6.55 5.57
N LEU B 265 -20.74 -6.61 4.88
CA LEU B 265 -19.93 -5.42 4.62
C LEU B 265 -20.72 -4.38 3.84
N MET B 266 -21.44 -4.84 2.82
CA MET B 266 -22.32 -4.01 2.01
C MET B 266 -23.29 -3.21 2.88
N LYS B 267 -24.03 -3.92 3.75
CA LYS B 267 -24.98 -3.26 4.64
C LYS B 267 -24.29 -2.30 5.59
N LEU B 268 -23.12 -2.70 6.13
CA LEU B 268 -22.39 -1.80 7.01
C LEU B 268 -21.98 -0.51 6.30
N CYS B 269 -21.50 -0.61 5.06
CA CYS B 269 -20.96 0.56 4.39
C CYS B 269 -22.03 1.51 3.84
N TRP B 270 -23.28 1.07 3.65
CA TRP B 270 -24.33 1.99 3.21
C TRP B 270 -25.30 2.35 4.35
N GLU B 271 -24.88 2.23 5.61
CA GLU B 271 -25.61 2.82 6.72
C GLU B 271 -25.90 4.29 6.43
N ALA B 272 -27.12 4.73 6.79
CA ALA B 272 -27.53 6.11 6.57
C ALA B 272 -26.65 7.09 7.34
N ASN B 273 -26.35 6.79 8.61
CA ASN B 273 -25.47 7.64 9.42
C ASN B 273 -24.01 7.42 9.01
N PRO B 274 -23.34 8.42 8.45
CA PRO B 274 -21.96 8.18 7.98
C PRO B 274 -21.00 7.75 9.09
N GLU B 275 -21.30 8.15 10.34
CA GLU B 275 -20.46 7.74 11.47
C GLU B 275 -20.45 6.23 11.66
N ALA B 276 -21.51 5.55 11.22
CA ALA B 276 -21.59 4.10 11.31
C ALA B 276 -20.90 3.39 10.15
N ARG B 277 -20.49 4.10 9.10
CA ARG B 277 -19.70 3.44 8.07
C ARG B 277 -18.26 3.31 8.55
N PRO B 278 -17.59 2.20 8.24
CA PRO B 278 -16.18 2.06 8.59
C PRO B 278 -15.31 2.88 7.65
N THR B 279 -14.04 3.01 8.03
CA THR B 279 -13.04 3.60 7.16
C THR B 279 -12.45 2.53 6.26
N PHE B 280 -11.77 2.98 5.19
CA PHE B 280 -11.22 1.96 4.30
C PHE B 280 -10.09 1.15 4.93
N PRO B 281 -9.23 1.74 5.78
CA PRO B 281 -8.34 0.86 6.56
C PRO B 281 -9.10 -0.10 7.45
N GLY B 282 -10.21 0.35 8.05
CA GLY B 282 -11.03 -0.55 8.83
C GLY B 282 -11.60 -1.69 8.00
N ILE B 283 -12.06 -1.37 6.79
CA ILE B 283 -12.52 -2.40 5.88
C ILE B 283 -11.38 -3.35 5.52
N GLU B 284 -10.19 -2.79 5.27
CA GLU B 284 -9.12 -3.61 4.74
C GLU B 284 -8.68 -4.66 5.75
N GLU B 285 -8.56 -4.27 7.03
CA GLU B 285 -8.05 -5.19 8.03
C GLU B 285 -9.01 -6.33 8.29
N LYS B 286 -10.30 -6.11 8.05
CA LYS B 286 -11.26 -7.21 8.08
C LYS B 286 -11.28 -7.99 6.77
N PHE B 287 -11.21 -7.31 5.61
CA PHE B 287 -11.49 -8.00 4.34
C PHE B 287 -10.28 -8.78 3.81
N ARG B 288 -9.07 -8.25 3.95
CA ARG B 288 -7.91 -8.94 3.40
C ARG B 288 -7.75 -10.35 3.97
N PRO B 289 -7.79 -10.58 5.29
CA PRO B 289 -7.71 -11.96 5.79
C PRO B 289 -8.86 -12.84 5.32
N PHE B 290 -10.06 -12.27 5.15
CA PHE B 290 -11.17 -13.06 4.64
C PHE B 290 -10.91 -13.47 3.20
N TYR B 291 -10.45 -12.53 2.37
CA TYR B 291 -10.15 -12.84 0.98
C TYR B 291 -9.10 -13.94 0.87
N LEU B 292 -8.04 -13.87 1.67
CA LEU B 292 -6.98 -14.85 1.57
C LEU B 292 -7.47 -16.23 2.03
N SER B 293 -8.19 -16.27 3.16
CA SER B 293 -8.74 -17.52 3.68
C SER B 293 -9.67 -18.20 2.69
N GLN B 294 -10.62 -17.46 2.11
CA GLN B 294 -11.77 -18.09 1.49
C GLN B 294 -11.89 -17.88 -0.02
N LEU B 295 -11.42 -16.76 -0.55
CA LEU B 295 -11.75 -16.42 -1.92
C LEU B 295 -10.62 -16.69 -2.90
N GLU B 296 -9.38 -16.40 -2.50
CA GLU B 296 -8.24 -16.40 -3.40
C GLU B 296 -8.07 -17.67 -4.23
C4 L8D C . 10.14 -7.71 18.93
C6 L8D C . 12.43 -7.39 18.64
C11 L8D C . 9.07 -4.21 17.70
C7 L8D C . 12.31 -6.02 18.88
C8 L8D C . 11.05 -5.50 19.17
C9 L8D C . 10.84 -4.02 19.45
C10 L8D C . 10.19 -3.33 18.24
C12 L8D C . 8.20 -4.81 18.78
N2 L8D C . 8.67 -5.86 19.48
C3 L8D C . 9.95 -6.36 19.20
C1 L8D C . 7.83 -6.46 20.54
N5 L8D C . 11.36 -8.16 18.65
O13 L8D C . 7.08 -4.38 19.03
N14 L8D C . 8.18 -3.42 16.86
C15 L8D C . 8.49 -3.14 15.59
O16 L8D C . 9.55 -3.51 15.09
C17 L8D C . 7.54 -2.35 14.80
N18 L8D C . 6.34 -1.92 15.24
C19 L8D C . 5.80 -1.29 14.24
N20 L8D C . 6.66 -1.34 13.21
N21 L8D C . 7.71 -1.98 13.56
C22 L8D C . 6.15 -0.65 12.03
C23 L8D C . 4.99 0.25 12.56
C24 L8D C . 4.55 -0.51 13.85
C25 L8D C . 7.28 0.11 11.39
C26 L8D C . 7.64 1.38 11.82
C27 L8D C . 8.69 2.06 11.24
C28 L8D C . 9.41 1.47 10.21
C29 L8D C . 9.06 0.18 9.78
C30 L8D C . 8.00 -0.49 10.37
O31 L8D C . 13.65 -7.95 18.36
C32 L8D C . 13.66 -9.32 17.99
I IOD D . 2.57 0.20 -10.37
I IOD E . 12.33 -4.95 -13.11
I IOD F . 33.04 -8.42 8.66
C4 L8D G . -10.14 9.66 -20.30
C6 L8D G . -12.35 10.19 -19.90
C11 L8D G . -8.77 11.24 -17.03
C7 L8D G . -12.01 11.33 -19.17
C8 L8D G . -10.68 11.63 -19.01
C9 L8D G . -10.27 12.85 -18.24
C10 L8D G . -9.70 12.45 -16.88
C12 L8D G . -7.88 11.28 -18.24
N2 L8D G . -8.37 11.03 -19.46
C3 L8D G . -9.73 10.77 -19.59
C1 L8D G . -7.50 11.04 -20.64
N5 L8D G . -11.43 9.41 -20.44
O13 L8D G . -6.69 11.50 -18.12
N14 L8D G . -7.87 11.16 -15.90
C15 L8D G . -8.26 10.53 -14.78
O16 L8D G . -9.36 10.01 -14.71
C17 L8D G . -7.32 10.45 -13.66
N18 L8D G . -6.05 10.89 -13.64
C19 L8D G . -5.57 10.59 -12.45
N20 L8D G . -6.54 9.97 -11.76
N21 L8D G . -7.58 9.89 -12.51
C22 L8D G . -6.11 9.57 -10.43
C23 L8D G . -4.80 10.34 -10.16
C24 L8D G . -4.32 10.68 -11.59
C25 L8D G . -7.18 9.90 -9.42
C26 L8D G . -7.32 11.19 -8.95
C27 L8D G . -8.30 11.49 -8.03
C28 L8D G . -9.16 10.50 -7.58
C29 L8D G . -9.03 9.20 -8.07
C30 L8D G . -8.04 8.91 -8.99
O31 L8D G . -13.65 9.88 -20.08
C32 L8D G . -13.95 8.92 -21.08
I IOD H . -39.02 4.21 -6.25
I IOD I . -15.15 -8.75 5.65
I IOD J . -4.25 -5.21 6.25
#